data_5B5U
#
_entry.id   5B5U
#
_cell.length_a   91.310
_cell.length_b   91.310
_cell.length_c   186.971
_cell.angle_alpha   90.00
_cell.angle_beta   90.00
_cell.angle_gamma   120.00
#
_symmetry.space_group_name_H-M   'P 65 2 2'
#
loop_
_entity.id
_entity.type
_entity.pdbx_description
1 polymer L-asparaginase
2 polymer L-asparaginase
3 polymer LEU-VAL-VAL-ASN
4 non-polymer 'ASPARTIC ACID'
5 non-polymer 'CHLORIDE ION'
6 non-polymer 'ISOPROPYL ALCOHOL'
7 non-polymer GLYCEROL
8 water water
#
loop_
_entity_poly.entity_id
_entity_poly.type
_entity_poly.pdbx_seq_one_letter_code
_entity_poly.pdbx_strand_id
1 'polypeptide(L)'
;MKILLIGMGGTIASVKGENGYEASLSVKEVLDIAGIKDCEDCDFLDLKNVDSTLIQPEDWVDLAETLYKNVKKYDGIIVT
HGTDTLAYTSSMISFMLRNPPIPIVFTGSMIPATEENSDAPLNLQTAIKFATSGIRGVYVAFNGKVMLGVRTSKVRTMSR
DAFESINYPIIAELRGED
;
A
2 'polypeptide(L)'
;MAVLVIKLIPGLSGDIFRAAVELGYRGIVIEGYGAGGIPYRGSDLLQTIEELSKEIPIVMTTQAMYDGVDLTRYKVGRLA
LRAGVIPAGDMTKEATVTKLMWILGHTNNVEEIKVLMRKNLVGELRD
;
B
3 'polypeptide(L)' LVVN C,E
#
# COMPACT_ATOMS: atom_id res chain seq x y z
N MET A 1 16.15 11.45 -17.24
CA MET A 1 17.60 11.59 -17.33
C MET A 1 18.29 11.06 -16.05
N LYS A 2 18.19 11.80 -14.94
CA LYS A 2 18.73 11.34 -13.66
C LYS A 2 17.70 10.56 -12.84
N ILE A 3 18.03 9.30 -12.56
CA ILE A 3 17.14 8.36 -11.90
C ILE A 3 17.79 7.75 -10.66
N LEU A 4 17.13 7.84 -9.51
CA LEU A 4 17.66 7.23 -8.28
C LEU A 4 16.93 5.93 -7.94
N LEU A 5 17.67 4.86 -7.73
CA LEU A 5 17.07 3.60 -7.27
C LEU A 5 17.36 3.35 -5.80
N ILE A 6 16.30 3.25 -5.00
CA ILE A 6 16.43 2.98 -3.57
C ILE A 6 16.08 1.52 -3.23
N GLY A 7 17.02 0.80 -2.62
CA GLY A 7 16.77 -0.56 -2.21
C GLY A 7 16.07 -0.64 -0.88
N MET A 8 15.09 -1.54 -0.79
CA MET A 8 14.43 -1.84 0.47
C MET A 8 14.54 -3.30 0.80
N GLY A 9 15.06 -4.08 -0.15
CA GLY A 9 15.21 -5.51 0.04
C GLY A 9 14.23 -6.28 -0.83
N GLY A 10 13.64 -7.32 -0.26
CA GLY A 10 12.73 -8.18 -1.00
C GLY A 10 13.40 -9.26 -1.82
N THR A 11 12.59 -10.22 -2.29
CA THR A 11 13.06 -11.34 -3.10
C THR A 11 13.93 -10.88 -4.27
N ILE A 12 13.63 -9.69 -4.78
CA ILE A 12 14.35 -9.14 -5.91
C ILE A 12 15.87 -9.21 -5.65
N ALA A 13 16.28 -8.80 -4.46
CA ALA A 13 17.68 -8.70 -4.06
C ALA A 13 18.04 -9.86 -3.15
N SER A 14 17.76 -11.06 -3.59
CA SER A 14 18.02 -12.22 -2.75
C SER A 14 18.93 -13.17 -3.48
N VAL A 15 19.61 -13.98 -2.69
CA VAL A 15 20.30 -15.16 -3.17
C VAL A 15 20.50 -16.06 -1.96
N LYS A 16 19.50 -16.91 -1.71
CA LYS A 16 19.51 -17.81 -0.55
C LYS A 16 20.80 -18.62 -0.48
N GLY A 17 21.47 -18.57 0.67
CA GLY A 17 22.75 -19.24 0.84
C GLY A 17 22.67 -20.75 0.95
N GLU A 18 23.84 -21.38 0.87
CA GLU A 18 23.96 -22.83 0.82
C GLU A 18 23.61 -23.55 2.14
N ASN A 19 22.48 -23.19 2.75
CA ASN A 19 21.95 -23.92 3.90
C ASN A 19 20.48 -23.60 4.24
N GLY A 20 20.05 -22.38 3.95
CA GLY A 20 18.66 -22.00 4.21
C GLY A 20 18.50 -20.59 4.74
N TYR A 21 19.55 -19.79 4.58
CA TYR A 21 19.54 -18.41 5.01
C TYR A 21 19.51 -17.46 3.82
N GLU A 22 18.49 -16.60 3.77
CA GLU A 22 18.42 -15.61 2.70
C GLU A 22 19.55 -14.59 2.88
N ALA A 23 20.23 -14.26 1.78
CA ALA A 23 21.19 -13.17 1.79
C ALA A 23 20.79 -12.12 0.77
N SER A 24 21.27 -10.90 0.96
CA SER A 24 20.81 -9.77 0.19
C SER A 24 21.87 -9.11 -0.68
N LEU A 25 21.46 -8.62 -1.85
CA LEU A 25 22.33 -7.83 -2.71
C LEU A 25 21.98 -6.36 -2.64
N SER A 26 22.95 -5.52 -3.02
CA SER A 26 22.70 -4.10 -3.18
C SER A 26 21.84 -3.88 -4.41
N VAL A 27 21.16 -2.75 -4.46
CA VAL A 27 20.29 -2.48 -5.56
C VAL A 27 21.08 -2.42 -6.87
N LYS A 28 22.30 -1.86 -6.78
CA LYS A 28 23.16 -1.69 -7.95
C LYS A 28 23.51 -3.04 -8.53
N GLU A 29 23.81 -3.99 -7.65
CA GLU A 29 24.13 -5.35 -8.09
C GLU A 29 22.92 -5.99 -8.73
N VAL A 30 21.75 -5.74 -8.14
CA VAL A 30 20.52 -6.28 -8.67
C VAL A 30 20.34 -5.87 -10.13
N LEU A 31 20.49 -4.58 -10.43
CA LEU A 31 20.40 -4.13 -11.81
C LEU A 31 21.40 -4.80 -12.73
N ASP A 32 22.65 -4.93 -12.28
CA ASP A 32 23.65 -5.56 -13.13
C ASP A 32 23.29 -7.00 -13.42
N ILE A 33 22.79 -7.70 -12.41
CA ILE A 33 22.42 -9.12 -12.53
C ILE A 33 21.15 -9.31 -13.38
N ALA A 34 20.21 -8.39 -13.24
CA ALA A 34 19.02 -8.38 -14.08
C ALA A 34 19.47 -8.21 -15.52
N GLY A 35 20.44 -7.32 -15.73
CA GLY A 35 21.03 -7.08 -17.04
C GLY A 35 20.59 -5.77 -17.65
N ILE A 36 20.22 -4.81 -16.81
CA ILE A 36 19.76 -3.51 -17.29
C ILE A 36 20.95 -2.69 -17.73
N LYS A 37 20.98 -2.34 -19.02
CA LYS A 37 22.17 -1.72 -19.60
C LYS A 37 21.92 -0.28 -20.02
N ASP A 38 20.68 0.01 -20.38
CA ASP A 38 20.30 1.34 -20.83
C ASP A 38 20.45 2.31 -19.67
N CYS A 39 20.22 1.81 -18.46
CA CYS A 39 20.29 2.65 -17.27
C CYS A 39 21.72 3.12 -17.03
N GLU A 40 22.05 4.25 -17.64
CA GLU A 40 23.28 4.93 -17.32
C GLU A 40 22.89 6.29 -16.81
N ASP A 41 23.78 6.90 -16.04
CA ASP A 41 23.43 8.08 -15.23
C ASP A 41 22.25 7.71 -14.35
N CYS A 42 22.46 6.69 -13.53
CA CYS A 42 21.51 6.20 -12.55
C CYS A 42 22.23 6.08 -11.21
N ASP A 43 21.70 6.71 -10.18
CA ASP A 43 22.32 6.58 -8.87
C ASP A 43 21.66 5.49 -8.01
N PHE A 44 22.38 4.98 -7.02
CA PHE A 44 21.89 3.88 -6.21
C PHE A 44 22.06 4.12 -4.71
N LEU A 45 20.95 4.09 -3.99
CA LEU A 45 20.97 4.20 -2.55
C LEU A 45 20.40 2.92 -1.99
N ASP A 46 21.06 2.37 -0.98
CA ASP A 46 20.52 1.22 -0.27
C ASP A 46 20.01 1.65 1.11
N LEU A 47 18.71 1.53 1.33
CA LEU A 47 18.10 2.05 2.54
C LEU A 47 17.74 0.97 3.55
N LYS A 48 17.24 -0.16 3.06
CA LYS A 48 16.99 -1.34 3.88
C LYS A 48 17.32 -2.58 3.08
N ASN A 49 17.38 -3.71 3.75
CA ASN A 49 17.58 -4.96 3.06
C ASN A 49 16.83 -6.09 3.73
N VAL A 50 15.53 -5.90 3.88
CA VAL A 50 14.69 -6.84 4.59
C VAL A 50 13.63 -7.47 3.69
N ASP A 51 13.10 -8.60 4.18
CA ASP A 51 11.89 -9.20 3.66
C ASP A 51 10.79 -8.24 4.08
N SER A 52 9.85 -7.91 3.19
CA SER A 52 8.91 -6.82 3.49
C SER A 52 7.88 -7.16 4.56
N THR A 53 7.79 -8.42 4.93
CA THR A 53 6.95 -8.82 6.05
C THR A 53 7.43 -8.10 7.30
N LEU A 54 8.73 -7.80 7.34
CA LEU A 54 9.36 -7.17 8.49
C LEU A 54 9.12 -5.67 8.56
N ILE A 55 8.62 -5.10 7.47
CA ILE A 55 8.38 -3.65 7.36
C ILE A 55 7.48 -3.11 8.47
N GLN A 56 7.96 -2.06 9.15
CA GLN A 56 7.17 -1.40 10.19
C GLN A 56 6.95 0.04 9.76
N PRO A 57 5.98 0.74 10.38
CA PRO A 57 5.71 2.16 10.08
C PRO A 57 6.95 3.06 10.06
N GLU A 58 7.85 2.90 11.02
CA GLU A 58 9.09 3.70 11.08
C GLU A 58 9.83 3.68 9.74
N ASP A 59 9.74 2.57 9.03
CA ASP A 59 10.43 2.45 7.77
C ASP A 59 9.85 3.37 6.72
N TRP A 60 8.56 3.70 6.87
CA TRP A 60 7.91 4.60 5.95
C TRP A 60 8.41 6.02 6.16
N VAL A 61 8.62 6.39 7.41
CA VAL A 61 9.25 7.66 7.74
C VAL A 61 10.65 7.78 7.15
N ASP A 62 11.50 6.78 7.37
CA ASP A 62 12.83 6.84 6.82
C ASP A 62 12.73 7.02 5.32
N LEU A 63 11.90 6.21 4.71
CA LEU A 63 11.78 6.23 3.27
C LEU A 63 11.23 7.55 2.75
N ALA A 64 10.19 8.09 3.38
CA ALA A 64 9.65 9.37 2.93
C ALA A 64 10.68 10.50 3.04
N GLU A 65 11.38 10.56 4.16
CA GLU A 65 12.41 11.56 4.34
C GLU A 65 13.46 11.46 3.26
N THR A 66 13.92 10.25 3.00
CA THR A 66 14.86 10.03 1.92
C THR A 66 14.29 10.57 0.62
N LEU A 67 13.04 10.21 0.35
CA LEU A 67 12.39 10.62 -0.89
C LEU A 67 12.26 12.13 -0.97
N TYR A 68 11.84 12.74 0.11
CA TYR A 68 11.66 14.18 0.12
C TYR A 68 12.99 14.87 -0.15
N LYS A 69 14.07 14.25 0.30
CA LYS A 69 15.39 14.82 0.10
C LYS A 69 15.81 14.74 -1.36
N ASN A 70 15.19 13.85 -2.11
CA ASN A 70 15.76 13.54 -3.41
C ASN A 70 14.93 13.86 -4.62
N VAL A 71 13.72 14.37 -4.39
CA VAL A 71 12.79 14.67 -5.48
C VAL A 71 13.28 15.82 -6.35
N LYS A 72 13.87 16.83 -5.72
CA LYS A 72 14.32 18.01 -6.43
C LYS A 72 15.56 17.71 -7.25
N LYS A 73 16.28 16.65 -6.88
CA LYS A 73 17.53 16.30 -7.56
C LYS A 73 17.32 15.32 -8.72
N TYR A 74 16.30 14.46 -8.63
CA TYR A 74 16.15 13.43 -9.64
C TYR A 74 14.92 13.65 -10.48
N ASP A 75 14.90 13.04 -11.65
CA ASP A 75 13.79 13.18 -12.58
C ASP A 75 12.76 12.06 -12.41
N GLY A 76 13.23 10.92 -11.92
CA GLY A 76 12.40 9.80 -11.55
C GLY A 76 13.10 8.97 -10.48
N ILE A 77 12.33 8.46 -9.51
CA ILE A 77 12.86 7.58 -8.48
C ILE A 77 12.21 6.19 -8.55
N ILE A 78 13.01 5.16 -8.35
CA ILE A 78 12.49 3.82 -8.33
C ILE A 78 12.84 3.19 -6.99
N VAL A 79 11.93 2.43 -6.41
CA VAL A 79 12.18 1.81 -5.11
C VAL A 79 11.94 0.31 -5.19
N THR A 80 13.00 -0.48 -5.00
CA THR A 80 12.83 -1.92 -5.00
C THR A 80 12.44 -2.45 -3.61
N HIS A 81 11.52 -3.39 -3.57
CA HIS A 81 10.83 -3.70 -2.34
C HIS A 81 10.30 -5.13 -2.43
N GLY A 82 10.09 -5.75 -1.26
CA GLY A 82 9.47 -7.06 -1.19
C GLY A 82 8.03 -6.91 -1.61
N THR A 83 7.44 -7.95 -2.20
CA THR A 83 6.07 -7.81 -2.69
C THR A 83 5.04 -7.88 -1.58
N ASP A 84 5.38 -8.52 -0.47
CA ASP A 84 4.42 -8.72 0.61
C ASP A 84 3.78 -7.44 1.08
N THR A 85 4.56 -6.40 1.31
CA THR A 85 3.97 -5.18 1.84
C THR A 85 4.18 -3.98 0.96
N LEU A 86 4.57 -4.26 -0.27
CA LEU A 86 4.76 -3.24 -1.28
C LEU A 86 3.62 -2.24 -1.36
N ALA A 87 2.39 -2.75 -1.30
CA ALA A 87 1.21 -1.92 -1.53
C ALA A 87 0.89 -1.08 -0.32
N TYR A 88 1.31 -1.57 0.85
CA TYR A 88 1.22 -0.79 2.06
C TYR A 88 2.16 0.40 1.95
N THR A 89 3.42 0.10 1.64
CA THR A 89 4.46 1.10 1.52
C THR A 89 4.06 2.13 0.47
N SER A 90 3.68 1.66 -0.72
CA SER A 90 3.30 2.55 -1.80
C SER A 90 2.17 3.49 -1.42
N SER A 91 1.17 2.93 -0.73
CA SER A 91 0.03 3.69 -0.27
C SER A 91 0.41 4.71 0.79
N MET A 92 1.21 4.29 1.78
CA MET A 92 1.52 5.19 2.88
C MET A 92 2.38 6.32 2.38
N ILE A 93 3.33 5.98 1.54
CA ILE A 93 4.18 6.99 0.96
C ILE A 93 3.33 8.01 0.19
N SER A 94 2.28 7.53 -0.48
CA SER A 94 1.38 8.40 -1.25
C SER A 94 0.70 9.44 -0.38
N PHE A 95 0.53 9.13 0.91
CA PHE A 95 -0.13 10.06 1.81
C PHE A 95 0.87 11.03 2.42
N MET A 96 2.01 10.50 2.86
CA MET A 96 3.07 11.35 3.36
C MET A 96 3.51 12.39 2.33
N LEU A 97 3.85 11.92 1.13
CA LEU A 97 4.37 12.78 0.07
C LEU A 97 3.29 13.17 -0.87
N ARG A 98 2.41 14.09 -0.47
CA ARG A 98 1.18 14.30 -1.21
C ARG A 98 1.34 14.67 -2.68
N ASN A 99 2.30 15.55 -2.98
CA ASN A 99 2.46 16.06 -4.34
C ASN A 99 3.88 15.89 -4.88
N PRO A 100 4.25 14.65 -5.21
CA PRO A 100 5.58 14.47 -5.79
C PRO A 100 5.69 15.13 -7.18
N PRO A 101 6.79 15.85 -7.44
CA PRO A 101 7.09 16.54 -8.70
C PRO A 101 7.60 15.58 -9.77
N ILE A 102 7.90 14.36 -9.35
CA ILE A 102 8.43 13.35 -10.22
C ILE A 102 7.69 12.05 -9.98
N PRO A 103 7.75 11.13 -10.95
CA PRO A 103 7.28 9.74 -10.77
C PRO A 103 8.12 8.98 -9.77
N ILE A 104 7.49 8.42 -8.76
CA ILE A 104 8.17 7.56 -7.81
C ILE A 104 7.64 6.15 -7.97
N VAL A 105 8.43 5.24 -8.51
CA VAL A 105 7.89 3.95 -8.91
C VAL A 105 8.38 2.78 -8.06
N PHE A 106 7.44 2.08 -7.43
CA PHE A 106 7.79 0.91 -6.64
C PHE A 106 7.78 -0.32 -7.49
N THR A 107 8.72 -1.22 -7.26
CA THR A 107 8.72 -2.49 -7.95
C THR A 107 9.43 -3.53 -7.07
N GLY A 108 9.63 -4.72 -7.60
CA GLY A 108 10.13 -5.86 -6.85
C GLY A 108 10.06 -7.04 -7.79
N SER A 109 10.12 -8.26 -7.27
CA SER A 109 9.93 -9.46 -8.09
C SER A 109 9.64 -10.65 -7.22
N MET A 110 9.06 -11.69 -7.80
CA MET A 110 8.69 -12.90 -7.06
C MET A 110 9.80 -13.91 -7.15
N ILE A 111 10.54 -13.83 -8.26
CA ILE A 111 11.69 -14.68 -8.51
C ILE A 111 12.91 -13.75 -8.49
N PRO A 112 13.91 -14.09 -7.65
CA PRO A 112 15.09 -13.24 -7.43
C PRO A 112 15.81 -13.00 -8.74
N ALA A 113 16.40 -11.82 -8.93
CA ALA A 113 17.10 -11.47 -10.17
C ALA A 113 18.19 -12.48 -10.55
N THR A 114 18.80 -13.10 -9.54
CA THR A 114 19.86 -14.08 -9.75
C THR A 114 19.36 -15.34 -10.45
N GLU A 115 18.12 -15.71 -10.18
CA GLU A 115 17.51 -16.88 -10.80
C GLU A 115 17.28 -16.70 -12.30
N GLU A 116 17.14 -17.82 -12.98
CA GLU A 116 17.23 -17.82 -14.43
C GLU A 116 16.02 -17.18 -15.10
N ASN A 117 14.84 -17.50 -14.59
CA ASN A 117 13.62 -17.00 -15.18
C ASN A 117 13.02 -15.85 -14.40
N SER A 118 13.87 -15.03 -13.80
CA SER A 118 13.39 -13.99 -12.92
C SER A 118 12.53 -12.95 -13.64
N ASP A 119 11.53 -12.45 -12.92
CA ASP A 119 10.67 -11.41 -13.44
C ASP A 119 11.27 -10.05 -13.18
N ALA A 120 12.40 -10.04 -12.44
CA ALA A 120 13.11 -8.80 -12.13
C ALA A 120 13.47 -7.90 -13.32
N PRO A 121 14.04 -8.46 -14.40
CA PRO A 121 14.40 -7.60 -15.54
C PRO A 121 13.19 -6.83 -16.06
N LEU A 122 12.12 -7.55 -16.39
CA LEU A 122 10.88 -6.91 -16.83
C LEU A 122 10.37 -5.84 -15.87
N ASN A 123 10.28 -6.17 -14.59
CA ASN A 123 9.78 -5.19 -13.62
C ASN A 123 10.62 -3.92 -13.58
N LEU A 124 11.93 -4.13 -13.71
CA LEU A 124 12.89 -3.03 -13.64
C LEU A 124 12.87 -2.25 -14.95
N GLN A 125 12.85 -2.98 -16.06
CA GLN A 125 12.68 -2.32 -17.35
C GLN A 125 11.45 -1.43 -17.32
N THR A 126 10.35 -1.98 -16.80
CA THR A 126 9.09 -1.27 -16.67
C THR A 126 9.23 -0.05 -15.77
N ALA A 127 9.78 -0.28 -14.57
CA ALA A 127 9.94 0.79 -13.60
C ALA A 127 10.76 1.94 -14.19
N ILE A 128 11.81 1.59 -14.95
CA ILE A 128 12.69 2.62 -15.50
C ILE A 128 12.05 3.37 -16.66
N LYS A 129 11.41 2.63 -17.56
CA LYS A 129 10.63 3.24 -18.63
C LYS A 129 9.67 4.28 -18.09
N PHE A 130 8.95 3.92 -17.03
CA PHE A 130 7.99 4.86 -16.46
C PHE A 130 8.61 5.98 -15.62
N ALA A 131 9.75 5.73 -15.00
CA ALA A 131 10.40 6.76 -14.21
C ALA A 131 10.85 7.93 -15.10
N THR A 132 10.99 7.66 -16.38
CA THR A 132 11.42 8.68 -17.34
C THR A 132 10.23 9.39 -18.00
N SER A 133 9.00 8.99 -17.65
CA SER A 133 7.79 9.38 -18.38
C SER A 133 7.37 10.82 -18.17
N GLY A 134 7.79 11.41 -17.05
CA GLY A 134 7.38 12.75 -16.68
C GLY A 134 6.00 12.78 -16.05
N ILE A 135 5.51 11.60 -15.67
CA ILE A 135 4.21 11.51 -15.01
C ILE A 135 4.37 11.56 -13.49
N ARG A 136 4.03 12.71 -12.91
CA ARG A 136 4.17 12.93 -11.48
C ARG A 136 3.33 11.93 -10.71
N GLY A 137 3.80 11.49 -9.54
CA GLY A 137 2.98 10.66 -8.68
C GLY A 137 3.65 9.42 -8.18
N VAL A 138 2.95 8.66 -7.33
CA VAL A 138 3.51 7.42 -6.78
C VAL A 138 2.85 6.22 -7.44
N TYR A 139 3.67 5.34 -7.97
CA TYR A 139 3.20 4.21 -8.75
C TYR A 139 3.81 2.89 -8.34
N VAL A 140 3.24 1.82 -8.87
CA VAL A 140 3.79 0.48 -8.68
C VAL A 140 3.89 -0.11 -10.06
N ALA A 141 5.01 -0.75 -10.35
CA ALA A 141 5.25 -1.37 -11.63
C ALA A 141 5.44 -2.85 -11.39
N PHE A 142 4.63 -3.68 -12.03
CA PHE A 142 4.78 -5.12 -11.85
C PHE A 142 4.19 -5.87 -13.00
N ASN A 143 4.90 -6.91 -13.45
CA ASN A 143 4.46 -7.73 -14.57
C ASN A 143 4.08 -6.92 -15.81
N GLY A 144 4.90 -5.93 -16.15
CA GLY A 144 4.68 -5.10 -17.32
C GLY A 144 3.54 -4.10 -17.18
N LYS A 145 3.09 -3.85 -15.96
CA LYS A 145 1.95 -2.98 -15.75
C LYS A 145 2.30 -1.93 -14.74
N VAL A 146 1.78 -0.72 -14.94
CA VAL A 146 2.01 0.37 -13.99
C VAL A 146 0.68 0.75 -13.34
N MET A 147 0.68 0.82 -12.02
CA MET A 147 -0.55 1.07 -11.30
C MET A 147 -0.37 2.23 -10.36
N LEU A 148 -1.44 2.95 -10.09
CA LEU A 148 -1.39 3.98 -9.10
C LEU A 148 -1.05 3.25 -7.80
N GLY A 149 -0.11 3.79 -7.04
CA GLY A 149 0.36 3.13 -5.84
C GLY A 149 -0.77 2.97 -4.86
N VAL A 150 -1.73 3.87 -4.91
CA VAL A 150 -2.71 3.93 -3.84
C VAL A 150 -3.98 3.12 -4.20
N ARG A 151 -3.87 2.39 -5.31
CA ARG A 151 -4.93 1.54 -5.86
C ARG A 151 -4.38 0.16 -6.19
N THR A 152 -3.25 -0.23 -5.57
CA THR A 152 -2.60 -1.49 -5.91
C THR A 152 -2.74 -2.46 -4.75
N SER A 153 -2.99 -3.73 -5.06
CA SER A 153 -3.02 -4.79 -4.06
C SER A 153 -2.37 -6.04 -4.58
N LYS A 154 -1.64 -6.74 -3.71
CA LYS A 154 -1.14 -8.09 -4.01
C LYS A 154 -2.31 -9.05 -4.02
N VAL A 155 -2.48 -9.75 -5.14
CA VAL A 155 -3.63 -10.64 -5.34
C VAL A 155 -3.23 -12.11 -5.50
N ARG A 156 -1.95 -12.37 -5.71
CA ARG A 156 -1.47 -13.74 -5.90
C ARG A 156 -0.21 -13.91 -5.08
N THR A 157 -0.04 -15.07 -4.45
CA THR A 157 1.11 -15.27 -3.60
C THR A 157 2.21 -16.06 -4.29
N MET A 158 1.87 -16.75 -5.37
CA MET A 158 2.81 -17.65 -6.01
C MET A 158 2.82 -17.47 -7.53
N SER A 159 2.62 -16.24 -7.99
CA SER A 159 2.63 -15.96 -9.41
C SER A 159 3.36 -14.67 -9.72
N ARG A 160 3.81 -14.53 -10.96
CA ARG A 160 4.54 -13.34 -11.41
C ARG A 160 3.61 -12.15 -11.51
N ASP A 161 2.36 -12.45 -11.79
CA ASP A 161 1.33 -11.45 -11.92
C ASP A 161 0.67 -11.29 -10.56
N ALA A 162 1.42 -10.73 -9.61
CA ALA A 162 0.98 -10.70 -8.23
C ALA A 162 0.07 -9.53 -7.93
N PHE A 163 0.00 -8.55 -8.82
CA PHE A 163 -0.66 -7.31 -8.47
C PHE A 163 -1.80 -6.90 -9.35
N GLU A 164 -2.70 -6.12 -8.78
CA GLU A 164 -3.77 -5.55 -9.55
C GLU A 164 -4.10 -4.14 -9.13
N SER A 165 -4.53 -3.34 -10.10
CA SER A 165 -5.09 -2.05 -9.82
C SER A 165 -6.54 -2.32 -9.47
N ILE A 166 -6.94 -1.91 -8.29
CA ILE A 166 -8.25 -2.24 -7.81
C ILE A 166 -9.19 -1.04 -7.92
N ASN A 167 -10.28 -1.24 -8.66
CA ASN A 167 -11.32 -0.22 -8.84
C ASN A 167 -10.81 1.00 -9.57
N TYR A 168 -9.80 0.82 -10.40
CA TYR A 168 -9.13 1.95 -10.99
C TYR A 168 -8.33 1.47 -12.18
N PRO A 169 -8.37 2.23 -13.28
CA PRO A 169 -7.70 1.79 -14.50
C PRO A 169 -6.18 1.66 -14.34
N ILE A 170 -5.62 0.63 -14.96
CA ILE A 170 -4.18 0.55 -15.08
C ILE A 170 -3.67 1.81 -15.78
N ILE A 171 -2.63 2.40 -15.20
CA ILE A 171 -2.03 3.61 -15.74
C ILE A 171 -1.38 3.36 -17.11
N ALA A 172 -0.53 2.34 -17.19
CA ALA A 172 0.08 1.96 -18.46
C ALA A 172 0.54 0.52 -18.40
N GLU A 173 0.63 -0.13 -19.56
CA GLU A 173 1.22 -1.47 -19.63
C GLU A 173 1.73 -1.79 -21.02
N LEU A 174 2.87 -2.49 -21.08
CA LEU A 174 3.61 -2.78 -22.32
C LEU A 174 2.83 -3.43 -23.48
N ARG A 175 1.56 -3.80 -23.24
CA ARG A 175 0.72 -4.46 -24.24
C ARG A 175 0.63 -3.65 -25.55
N MET B 1 -2.05 6.49 15.57
CA MET B 1 -0.96 5.51 15.60
C MET B 1 -1.51 4.11 15.40
N ALA B 2 -1.79 3.40 16.49
CA ALA B 2 -2.13 1.99 16.41
C ALA B 2 -3.56 1.77 15.89
N VAL B 3 -3.68 0.98 14.82
CA VAL B 3 -4.96 0.64 14.21
C VAL B 3 -5.15 -0.88 14.16
N LEU B 4 -6.35 -1.35 14.48
CA LEU B 4 -6.63 -2.79 14.48
C LEU B 4 -7.61 -3.17 13.37
N VAL B 5 -7.24 -4.17 12.58
CA VAL B 5 -8.12 -4.62 11.50
C VAL B 5 -8.71 -6.00 11.78
N ILE B 6 -10.04 -6.03 11.85
CA ILE B 6 -10.77 -7.25 12.19
C ILE B 6 -11.72 -7.63 11.06
N LYS B 7 -11.64 -8.88 10.63
CA LYS B 7 -12.56 -9.39 9.62
C LYS B 7 -13.89 -9.79 10.26
N LEU B 8 -14.97 -9.19 9.76
CA LEU B 8 -16.31 -9.54 10.26
C LEU B 8 -16.66 -10.97 9.87
N ILE B 9 -16.90 -11.82 10.87
CA ILE B 9 -17.39 -13.18 10.60
C ILE B 9 -18.61 -13.45 11.46
N PRO B 10 -19.37 -14.49 11.14
CA PRO B 10 -20.61 -14.74 11.90
C PRO B 10 -20.36 -15.17 13.34
N GLY B 11 -21.15 -14.59 14.25
CA GLY B 11 -20.98 -14.83 15.67
C GLY B 11 -19.94 -13.95 16.32
N LEU B 12 -19.43 -12.95 15.59
CA LEU B 12 -18.39 -12.07 16.11
C LEU B 12 -18.93 -11.14 17.20
N SER B 13 -18.29 -11.25 18.36
CA SER B 13 -18.70 -10.54 19.55
C SER B 13 -18.00 -9.19 19.63
N GLY B 14 -18.74 -8.17 19.97
CA GLY B 14 -18.21 -6.83 20.14
C GLY B 14 -17.31 -6.64 21.34
N ASP B 15 -17.05 -7.70 22.10
CA ASP B 15 -16.20 -7.56 23.28
C ASP B 15 -14.71 -7.29 22.92
N ILE B 16 -14.25 -7.86 21.81
CA ILE B 16 -12.88 -7.66 21.34
C ILE B 16 -12.61 -6.19 20.98
N PHE B 17 -13.61 -5.52 20.47
CA PHE B 17 -13.48 -4.10 20.15
C PHE B 17 -13.33 -3.29 21.42
N ARG B 18 -14.05 -3.68 22.46
CA ARG B 18 -13.89 -3.04 23.75
C ARG B 18 -12.46 -3.19 24.23
N ALA B 19 -11.93 -4.41 24.14
CA ALA B 19 -10.58 -4.68 24.60
C ALA B 19 -9.57 -3.88 23.79
N ALA B 20 -9.83 -3.77 22.49
CA ALA B 20 -8.96 -3.01 21.62
C ALA B 20 -8.87 -1.59 22.13
N VAL B 21 -10.01 -0.99 22.45
CA VAL B 21 -10.02 0.42 22.82
C VAL B 21 -9.28 0.66 24.12
N GLU B 22 -9.51 -0.25 25.07
CA GLU B 22 -8.76 -0.30 26.31
C GLU B 22 -7.28 -0.28 26.05
N LEU B 23 -6.83 -1.21 25.21
CA LEU B 23 -5.42 -1.35 24.89
C LEU B 23 -4.81 -0.08 24.32
N GLY B 24 -5.65 0.85 23.85
CA GLY B 24 -5.16 2.11 23.35
C GLY B 24 -5.03 2.18 21.83
N TYR B 25 -5.66 1.25 21.13
CA TYR B 25 -5.78 1.35 19.69
C TYR B 25 -6.53 2.64 19.42
N ARG B 26 -6.10 3.36 18.40
CA ARG B 26 -6.70 4.67 18.18
C ARG B 26 -7.62 4.68 16.97
N GLY B 27 -7.67 3.56 16.27
CA GLY B 27 -8.56 3.38 15.14
C GLY B 27 -8.82 1.90 14.95
N ILE B 28 -10.00 1.57 14.45
CA ILE B 28 -10.39 0.20 14.18
C ILE B 28 -10.96 0.08 12.79
N VAL B 29 -10.50 -0.92 12.04
CA VAL B 29 -11.06 -1.22 10.73
C VAL B 29 -11.75 -2.56 10.77
N ILE B 30 -13.03 -2.56 10.40
CA ILE B 30 -13.83 -3.78 10.29
C ILE B 30 -13.98 -4.17 8.83
N GLU B 31 -13.48 -5.34 8.49
CA GLU B 31 -13.58 -5.81 7.12
C GLU B 31 -14.85 -6.67 7.02
N GLY B 32 -15.90 -6.06 6.48
CA GLY B 32 -17.21 -6.67 6.52
C GLY B 32 -17.62 -7.30 5.22
N TYR B 33 -18.90 -7.67 5.11
CA TYR B 33 -19.39 -8.41 3.96
C TYR B 33 -19.96 -7.50 2.90
N GLY B 34 -19.62 -7.78 1.65
CA GLY B 34 -20.28 -7.12 0.54
C GLY B 34 -20.26 -5.62 0.59
N ALA B 35 -21.41 -5.00 0.41
CA ALA B 35 -21.49 -3.55 0.39
C ALA B 35 -21.36 -2.94 1.78
N GLY B 36 -21.48 -3.75 2.83
CA GLY B 36 -21.33 -3.21 4.15
C GLY B 36 -22.53 -3.28 5.10
N GLY B 37 -22.22 -3.32 6.40
CA GLY B 37 -23.20 -3.35 7.45
C GLY B 37 -22.71 -4.07 8.70
N ILE B 38 -23.41 -3.86 9.82
CA ILE B 38 -23.09 -4.55 11.06
C ILE B 38 -24.27 -5.43 11.52
N PRO B 39 -23.99 -6.70 11.87
CA PRO B 39 -24.98 -7.63 12.42
C PRO B 39 -25.63 -7.11 13.70
N TYR B 40 -26.96 -7.18 13.77
CA TYR B 40 -27.67 -6.76 14.97
C TYR B 40 -28.58 -7.88 15.48
N ARG B 41 -28.79 -8.89 14.66
CA ARG B 41 -29.58 -10.05 15.05
C ARG B 41 -28.68 -11.02 15.78
N GLY B 42 -28.92 -11.18 17.07
CA GLY B 42 -28.17 -12.12 17.87
C GLY B 42 -26.72 -11.78 18.11
N SER B 43 -26.33 -10.50 17.98
CA SER B 43 -25.01 -10.07 18.43
C SER B 43 -25.03 -8.67 19.03
N ASP B 44 -24.11 -8.42 19.95
CA ASP B 44 -23.98 -7.09 20.57
C ASP B 44 -23.06 -6.20 19.76
N LEU B 45 -22.84 -6.59 18.50
CA LEU B 45 -21.88 -5.89 17.67
C LEU B 45 -22.29 -4.46 17.44
N LEU B 46 -23.43 -4.29 16.78
CA LEU B 46 -23.97 -2.98 16.44
C LEU B 46 -24.12 -2.07 17.65
N GLN B 47 -24.56 -2.64 18.76
CA GLN B 47 -24.63 -1.88 19.99
C GLN B 47 -23.24 -1.39 20.40
N THR B 48 -22.28 -2.32 20.50
CA THR B 48 -20.93 -1.99 20.92
C THR B 48 -20.33 -0.90 20.05
N ILE B 49 -20.53 -1.02 18.74
CA ILE B 49 -20.03 -0.01 17.83
C ILE B 49 -20.69 1.33 18.03
N GLU B 50 -21.98 1.33 18.36
CA GLU B 50 -22.68 2.57 18.63
C GLU B 50 -21.95 3.35 19.74
N GLU B 51 -21.52 2.62 20.75
CA GLU B 51 -20.73 3.17 21.85
C GLU B 51 -19.36 3.67 21.38
N LEU B 52 -18.53 2.78 20.86
CA LEU B 52 -17.13 3.08 20.58
C LEU B 52 -16.90 4.05 19.41
N SER B 53 -17.81 4.06 18.44
CA SER B 53 -17.66 4.88 17.23
C SER B 53 -17.55 6.37 17.50
N LYS B 54 -17.75 6.77 18.75
CA LYS B 54 -17.63 8.18 19.08
C LYS B 54 -16.32 8.46 19.84
N GLU B 55 -15.68 7.40 20.32
CA GLU B 55 -14.38 7.52 20.97
C GLU B 55 -13.24 7.36 19.98
N ILE B 56 -13.24 6.26 19.25
CA ILE B 56 -12.30 6.11 18.16
C ILE B 56 -13.01 5.94 16.84
N PRO B 57 -12.36 6.36 15.74
CA PRO B 57 -12.95 6.10 14.44
C PRO B 57 -13.08 4.60 14.21
N ILE B 58 -14.20 4.20 13.64
CA ILE B 58 -14.41 2.81 13.28
C ILE B 58 -14.77 2.76 11.81
N VAL B 59 -13.88 2.13 11.03
CA VAL B 59 -13.97 2.16 9.59
C VAL B 59 -14.45 0.85 9.04
N MET B 60 -15.33 0.92 8.06
CA MET B 60 -15.85 -0.28 7.45
C MET B 60 -15.29 -0.43 6.07
N THR B 61 -14.56 -1.52 5.85
CA THR B 61 -14.22 -1.89 4.50
C THR B 61 -14.94 -3.19 4.14
N THR B 62 -14.60 -3.78 3.00
CA THR B 62 -15.24 -5.04 2.58
C THR B 62 -14.22 -6.16 2.38
N GLN B 63 -14.68 -7.39 2.55
CA GLN B 63 -13.82 -8.55 2.36
C GLN B 63 -13.65 -8.79 0.87
N ALA B 64 -14.65 -8.38 0.10
CA ALA B 64 -14.63 -8.64 -1.32
C ALA B 64 -13.57 -7.80 -1.98
N MET B 65 -12.98 -8.34 -3.03
CA MET B 65 -11.91 -7.65 -3.72
C MET B 65 -12.33 -6.31 -4.36
N TYR B 66 -13.45 -6.32 -5.07
CA TYR B 66 -13.80 -5.22 -5.96
C TYR B 66 -15.11 -4.53 -5.63
N ASP B 67 -15.24 -3.32 -6.18
CA ASP B 67 -16.42 -2.46 -6.09
C ASP B 67 -16.52 -1.68 -4.77
N GLY B 68 -15.99 -2.24 -3.70
CA GLY B 68 -15.94 -1.51 -2.45
C GLY B 68 -17.26 -1.39 -1.72
N VAL B 69 -17.28 -0.50 -0.74
CA VAL B 69 -18.33 -0.46 0.27
C VAL B 69 -19.34 0.62 -0.07
N ASP B 70 -20.60 0.36 0.27
CA ASP B 70 -21.66 1.36 0.21
C ASP B 70 -22.70 1.07 1.27
N LEU B 71 -22.61 1.76 2.40
CA LEU B 71 -23.50 1.51 3.52
C LEU B 71 -24.93 1.96 3.29
N THR B 72 -25.18 2.70 2.22
CA THR B 72 -26.54 3.16 1.96
C THR B 72 -27.38 2.12 1.24
N ARG B 73 -26.72 1.15 0.61
CA ARG B 73 -27.39 0.14 -0.22
C ARG B 73 -28.39 -0.77 0.52
N TYR B 74 -28.04 -1.22 1.72
CA TYR B 74 -28.91 -2.09 2.50
C TYR B 74 -29.18 -1.54 3.90
N LYS B 75 -30.15 -2.12 4.60
CA LYS B 75 -30.46 -1.67 5.96
C LYS B 75 -29.36 -1.95 6.97
N VAL B 76 -28.70 -3.11 6.89
CA VAL B 76 -27.60 -3.38 7.82
C VAL B 76 -26.53 -2.32 7.62
N GLY B 77 -26.41 -1.88 6.38
CA GLY B 77 -25.49 -0.82 6.04
C GLY B 77 -25.93 0.50 6.65
N ARG B 78 -27.17 0.90 6.35
CA ARG B 78 -27.71 2.17 6.82
C ARG B 78 -27.68 2.29 8.34
N LEU B 79 -27.91 1.17 9.01
CA LEU B 79 -27.78 1.13 10.46
C LEU B 79 -26.37 1.45 10.90
N ALA B 80 -25.37 0.93 10.18
CA ALA B 80 -23.99 1.12 10.58
C ALA B 80 -23.62 2.59 10.43
N LEU B 81 -24.09 3.22 9.35
CA LEU B 81 -23.93 4.67 9.21
C LEU B 81 -24.49 5.39 10.43
N ARG B 82 -25.74 5.12 10.79
CA ARG B 82 -26.35 5.68 11.99
C ARG B 82 -25.50 5.41 13.23
N ALA B 83 -24.91 4.22 13.30
CA ALA B 83 -24.08 3.83 14.45
C ALA B 83 -22.77 4.61 14.55
N GLY B 84 -22.44 5.38 13.52
CA GLY B 84 -21.24 6.22 13.51
C GLY B 84 -20.06 5.64 12.75
N VAL B 85 -20.30 4.56 12.01
CA VAL B 85 -19.26 3.90 11.23
C VAL B 85 -18.83 4.73 10.03
N ILE B 86 -17.52 4.80 9.80
CA ILE B 86 -16.96 5.50 8.66
C ILE B 86 -16.71 4.53 7.50
N PRO B 87 -17.35 4.79 6.35
CA PRO B 87 -17.24 3.86 5.22
C PRO B 87 -15.91 4.07 4.51
N ALA B 88 -15.44 3.05 3.80
CA ALA B 88 -14.14 3.14 3.14
C ALA B 88 -14.28 3.35 1.63
N GLY B 89 -15.52 3.52 1.16
CA GLY B 89 -15.77 3.79 -0.24
C GLY B 89 -15.15 2.72 -1.11
N ASP B 90 -14.45 3.13 -2.17
CA ASP B 90 -13.83 2.15 -3.07
C ASP B 90 -12.33 1.94 -2.86
N MET B 91 -11.81 2.41 -1.71
CA MET B 91 -10.38 2.32 -1.38
C MET B 91 -9.89 0.89 -1.26
N THR B 92 -8.61 0.64 -1.56
CA THR B 92 -8.04 -0.67 -1.27
C THR B 92 -7.95 -0.85 0.23
N LYS B 93 -7.77 -2.09 0.68
CA LYS B 93 -7.65 -2.33 2.11
C LYS B 93 -6.43 -1.62 2.61
N GLU B 94 -5.36 -1.66 1.82
CA GLU B 94 -4.08 -1.04 2.17
C GLU B 94 -4.16 0.48 2.13
N ALA B 95 -4.89 1.06 1.20
CA ALA B 95 -5.00 2.51 1.17
C ALA B 95 -5.84 2.98 2.36
N THR B 96 -6.80 2.15 2.75
CA THR B 96 -7.68 2.49 3.86
C THR B 96 -6.90 2.49 5.16
N VAL B 97 -6.19 1.42 5.42
CA VAL B 97 -5.42 1.26 6.65
C VAL B 97 -4.40 2.39 6.77
N THR B 98 -3.53 2.50 5.77
CA THR B 98 -2.50 3.51 5.78
C THR B 98 -3.06 4.96 5.82
N LYS B 99 -4.20 5.19 5.18
CA LYS B 99 -4.79 6.52 5.22
C LYS B 99 -5.20 6.81 6.64
N LEU B 100 -5.72 5.79 7.29
CA LEU B 100 -6.20 5.93 8.65
C LEU B 100 -5.03 6.24 9.59
N MET B 101 -3.99 5.42 9.52
CA MET B 101 -2.79 5.61 10.32
C MET B 101 -2.24 7.01 10.11
N TRP B 102 -2.28 7.46 8.85
CA TRP B 102 -1.75 8.75 8.51
C TRP B 102 -2.55 9.87 9.14
N ILE B 103 -3.86 9.78 9.01
CA ILE B 103 -4.73 10.79 9.57
C ILE B 103 -4.57 10.82 11.08
N LEU B 104 -4.45 9.65 11.68
CA LEU B 104 -4.29 9.51 13.13
C LEU B 104 -3.06 10.23 13.62
N GLY B 105 -1.99 10.19 12.84
CA GLY B 105 -0.78 10.93 13.17
C GLY B 105 -1.01 12.43 13.24
N HIS B 106 -2.11 12.90 12.68
CA HIS B 106 -2.37 14.34 12.57
C HIS B 106 -3.49 14.85 13.48
N THR B 107 -4.45 13.98 13.80
CA THR B 107 -5.55 14.35 14.67
C THR B 107 -6.10 13.14 15.42
N ASN B 108 -6.97 13.40 16.40
CA ASN B 108 -7.63 12.33 17.16
C ASN B 108 -9.11 12.60 17.23
N ASN B 109 -9.53 13.64 16.52
CA ASN B 109 -10.92 14.03 16.51
C ASN B 109 -11.70 13.19 15.51
N VAL B 110 -12.62 12.37 16.03
CA VAL B 110 -13.31 11.39 15.20
C VAL B 110 -14.12 12.02 14.07
N GLU B 111 -14.57 13.26 14.27
CA GLU B 111 -15.33 13.92 13.23
C GLU B 111 -14.42 14.41 12.12
N GLU B 112 -13.22 14.85 12.48
CA GLU B 112 -12.25 15.29 11.49
C GLU B 112 -11.82 14.08 10.68
N ILE B 113 -11.39 13.07 11.42
CA ILE B 113 -11.02 11.78 10.86
C ILE B 113 -12.09 11.24 9.90
N LYS B 114 -13.36 11.48 10.22
CA LYS B 114 -14.46 11.05 9.37
C LYS B 114 -14.54 11.89 8.10
N VAL B 115 -14.35 13.19 8.22
CA VAL B 115 -14.34 14.05 7.05
C VAL B 115 -13.16 13.70 6.13
N LEU B 116 -12.01 13.49 6.76
CA LEU B 116 -10.81 13.14 6.04
C LEU B 116 -10.94 11.82 5.31
N MET B 117 -11.42 10.79 6.01
CA MET B 117 -11.51 9.47 5.41
C MET B 117 -12.44 9.48 4.22
N ARG B 118 -13.42 10.40 4.23
CA ARG B 118 -14.36 10.55 3.12
C ARG B 118 -13.86 11.47 2.01
N LYS B 119 -12.70 12.09 2.20
CA LYS B 119 -12.16 12.99 1.20
C LYS B 119 -11.07 12.33 0.36
N ASN B 120 -11.17 12.47 -0.96
CA ASN B 120 -10.16 11.96 -1.88
C ASN B 120 -8.89 12.79 -1.80
N LEU B 121 -7.89 12.26 -1.12
CA LEU B 121 -6.61 12.98 -0.99
C LEU B 121 -5.74 12.87 -2.24
N VAL B 122 -5.39 11.65 -2.61
CA VAL B 122 -4.40 11.47 -3.67
C VAL B 122 -4.83 10.60 -4.83
N GLY B 123 -6.07 10.13 -4.84
CA GLY B 123 -6.53 9.24 -5.88
C GLY B 123 -6.94 7.88 -5.33
N GLU B 124 -6.96 7.77 -4.01
CA GLU B 124 -7.30 6.54 -3.32
C GLU B 124 -8.82 6.28 -3.28
N LEU B 125 -9.59 7.35 -3.44
CA LEU B 125 -11.02 7.35 -3.20
C LEU B 125 -11.80 7.99 -4.34
N ARG B 126 -12.97 7.44 -4.66
CA ARG B 126 -13.91 8.15 -5.50
C ARG B 126 -14.99 8.73 -4.60
N ASP B 127 -14.89 10.03 -4.33
CA ASP B 127 -15.82 10.72 -3.44
C ASP B 127 -16.77 11.64 -4.19
N LEU C 1 5.52 1.22 -24.12
CA LEU C 1 4.62 1.26 -22.97
C LEU C 1 3.35 2.07 -23.26
N VAL C 2 2.19 1.52 -22.95
CA VAL C 2 0.92 2.05 -23.47
C VAL C 2 -0.07 2.44 -22.39
N VAL C 3 -0.63 3.64 -22.50
CA VAL C 3 -1.50 4.13 -21.47
C VAL C 3 -2.90 3.49 -21.47
N ASN C 4 -3.68 3.72 -22.53
CA ASN C 4 -5.07 3.24 -22.56
C ASN C 4 -5.29 1.96 -23.38
N LEU D 1 23.88 7.90 1.41
CA LEU D 1 25.08 7.91 0.58
C LEU D 1 24.92 7.06 -0.67
N VAL D 2 25.21 7.67 -1.81
CA VAL D 2 24.85 7.15 -3.10
C VAL D 2 26.04 6.61 -3.90
N VAL D 3 25.83 5.48 -4.55
CA VAL D 3 26.72 4.99 -5.59
C VAL D 3 26.27 5.62 -6.94
N ASN D 4 27.20 6.04 -7.80
CA ASN D 4 26.82 6.63 -9.10
C ASN D 4 26.19 5.59 -10.04
#